data_3LKK
#
_entry.id   3LKK
#
_cell.length_a   124.307
_cell.length_b   44.279
_cell.length_c   91.764
_cell.angle_alpha   90.00
_cell.angle_beta   109.45
_cell.angle_gamma   90.00
#
_symmetry.space_group_name_H-M   'C 1 2 1'
#
loop_
_entity.id
_entity.type
_entity.pdbx_description
1 polymer 'Gamma-glutamyl kinase related protein'
2 non-polymer "ADENOSINE-5'-TRIPHOSPHATE"
3 non-polymer 'Isopentenyl phosphate'
4 water water
#
_entity_poly.entity_id   1
_entity_poly.type   'polypeptide(L)'
_entity_poly.pdbx_seq_one_letter_code
;DPFTMMILKIGGSVITDKSAYRTARTYAIRSIVKVLSGIEDLVCVVHGGGSFGHIKAMEFGLPGPKNPRSSIGYSIVHRD
MENLDLMVIDAMIEMGMRPISVPISALRYDGRFDYTPLIRYIDAGFVPVSYGDVYIKDEHSYGIYSGDDIMADMAELLKP
DVAVFLTDVDGIYSKDPKRNPDAVLLRDIDTNITFDRVQNDVTGGIGKKFESMVKMKSSVKNGVYLINGNHPERIGDIGK
ESFIGTVIR
;
_entity_poly.pdbx_strand_id   A,B
#
loop_
_chem_comp.id
_chem_comp.type
_chem_comp.name
_chem_comp.formula
ATP non-polymer ADENOSINE-5'-TRIPHOSPHATE 'C10 H16 N5 O13 P3'
IP8 non-polymer 'Isopentenyl phosphate' 'C5 H11 O4 P'
#
# COMPACT_ATOMS: atom_id res chain seq x y z
N MET A 5 1.45 25.93 6.25
CA MET A 5 1.66 24.47 6.01
C MET A 5 3.00 23.90 6.52
N MET A 6 2.94 22.71 7.14
CA MET A 6 4.14 22.01 7.61
C MET A 6 4.24 20.66 6.90
N ILE A 7 5.45 20.26 6.55
CA ILE A 7 5.69 18.85 6.21
C ILE A 7 6.67 18.32 7.21
N LEU A 8 6.57 17.02 7.53
CA LEU A 8 7.41 16.46 8.60
C LEU A 8 7.85 15.07 8.33
N LYS A 9 9.11 14.80 8.58
CA LYS A 9 9.61 13.45 8.44
C LYS A 9 9.97 12.87 9.82
N ILE A 10 9.48 11.66 10.08
CA ILE A 10 9.93 10.84 11.22
C ILE A 10 11.08 9.88 10.83
N GLY A 11 12.28 10.11 11.34
CA GLY A 11 13.42 9.29 11.03
C GLY A 11 13.29 7.85 11.52
N GLY A 12 13.81 6.93 10.75
CA GLY A 12 13.85 5.56 11.20
C GLY A 12 14.76 5.38 12.40
N SER A 13 15.69 6.29 12.63
CA SER A 13 16.60 6.17 13.76
C SER A 13 15.81 6.34 15.07
N VAL A 14 14.68 7.04 15.01
CA VAL A 14 13.90 7.27 16.24
C VAL A 14 12.74 6.31 16.45
N ILE A 15 12.13 5.78 15.37
CA ILE A 15 10.99 4.88 15.56
C ILE A 15 11.40 3.41 15.37
N THR A 16 12.67 3.15 15.04
CA THR A 16 13.10 1.76 15.02
C THR A 16 14.41 1.63 15.79
N ASP A 17 14.77 0.40 16.19
CA ASP A 17 16.11 0.13 16.69
C ASP A 17 16.93 -0.25 15.44
N LYS A 18 17.82 0.63 14.99
CA LYS A 18 18.52 0.43 13.70
C LYS A 18 19.42 -0.79 13.65
N SER A 19 19.82 -1.27 14.82
CA SER A 19 20.75 -2.37 14.93
C SER A 19 20.04 -3.71 14.88
N ALA A 20 18.70 -3.74 14.99
CA ALA A 20 18.00 -5.05 15.06
C ALA A 20 16.82 -5.17 14.06
N TYR A 21 16.90 -6.14 13.15
CA TYR A 21 15.99 -6.27 12.00
C TYR A 21 14.55 -6.19 12.39
N ARG A 22 13.78 -5.34 11.74
CA ARG A 22 12.34 -5.25 11.97
C ARG A 22 11.97 -4.96 13.44
N THR A 23 12.75 -4.12 14.12
CA THR A 23 12.47 -3.87 15.54
C THR A 23 12.03 -2.44 15.68
N ALA A 24 10.76 -2.25 16.00
CA ALA A 24 10.16 -0.92 16.18
C ALA A 24 10.32 -0.37 17.61
N ARG A 25 10.22 0.96 17.77
CA ARG A 25 10.14 1.60 19.08
C ARG A 25 8.73 2.19 19.14
N THR A 26 7.83 1.33 19.54
CA THR A 26 6.42 1.60 19.55
C THR A 26 6.10 2.81 20.40
N TYR A 27 6.73 2.97 21.56
CA TYR A 27 6.42 4.12 22.38
C TYR A 27 6.85 5.42 21.66
N ALA A 28 7.94 5.40 20.90
CA ALA A 28 8.32 6.59 20.13
C ALA A 28 7.30 6.90 19.02
N ILE A 29 6.89 5.89 18.26
CA ILE A 29 5.80 6.07 17.33
C ILE A 29 4.59 6.74 18.02
N ARG A 30 4.15 6.20 19.16
CA ARG A 30 2.93 6.74 19.80
C ARG A 30 3.12 8.16 20.30
N SER A 31 4.26 8.43 20.91
CA SER A 31 4.39 9.73 21.51
C SER A 31 4.63 10.84 20.44
N ILE A 32 5.37 10.52 19.39
CA ILE A 32 5.49 11.46 18.25
C ILE A 32 4.13 11.74 17.60
N VAL A 33 3.37 10.69 17.28
CA VAL A 33 2.14 10.88 16.60
C VAL A 33 1.13 11.63 17.49
N LYS A 34 1.16 11.41 18.78
CA LYS A 34 0.30 12.19 19.66
C LYS A 34 0.56 13.69 19.42
N VAL A 35 1.83 14.12 19.42
CA VAL A 35 2.14 15.50 19.08
C VAL A 35 1.78 15.88 17.65
N LEU A 36 2.06 15.02 16.64
CA LEU A 36 1.73 15.39 15.26
C LEU A 36 0.24 15.68 15.14
N SER A 37 -0.60 14.96 15.90
CA SER A 37 -2.05 15.11 15.77
C SER A 37 -2.56 16.48 16.20
N GLY A 38 -1.82 17.18 17.04
CA GLY A 38 -2.17 18.52 17.44
C GLY A 38 -1.65 19.64 16.53
N ILE A 39 -0.88 19.30 15.52
CA ILE A 39 -0.39 20.32 14.58
C ILE A 39 -1.40 20.59 13.47
N GLU A 40 -2.02 21.74 13.52
CA GLU A 40 -3.17 21.98 12.63
C GLU A 40 -2.81 22.06 11.16
N ASP A 41 -1.64 22.58 10.84
CA ASP A 41 -1.30 22.83 9.45
C ASP A 41 -0.37 21.71 8.87
N LEU A 42 -0.30 20.57 9.53
CA LEU A 42 0.54 19.44 9.09
C LEU A 42 -0.06 18.80 7.85
N VAL A 43 0.53 18.96 6.67
CA VAL A 43 -0.14 18.46 5.45
C VAL A 43 0.41 17.13 4.90
N CYS A 44 1.61 16.73 5.30
CA CYS A 44 2.21 15.51 4.77
C CYS A 44 3.21 14.94 5.77
N VAL A 45 3.20 13.62 6.00
CA VAL A 45 4.13 12.97 6.96
C VAL A 45 4.95 11.95 6.17
N VAL A 46 6.27 12.01 6.29
CA VAL A 46 7.17 11.01 5.67
C VAL A 46 7.83 10.27 6.82
N HIS A 47 8.13 8.99 6.66
CA HIS A 47 9.06 8.35 7.59
C HIS A 47 10.06 7.47 6.89
N GLY A 48 11.17 7.27 7.59
CA GLY A 48 12.28 6.43 7.16
C GLY A 48 12.02 5.00 7.56
N GLY A 49 13.01 4.14 7.35
CA GLY A 49 12.78 2.73 7.45
C GLY A 49 13.61 2.08 8.56
N GLY A 50 14.78 2.67 8.88
CA GLY A 50 15.74 2.05 9.80
C GLY A 50 15.83 0.56 9.58
N SER A 51 15.60 -0.22 10.64
CA SER A 51 15.82 -1.66 10.56
C SER A 51 14.72 -2.39 9.79
N PHE A 52 13.66 -1.68 9.40
CA PHE A 52 12.62 -2.24 8.50
C PHE A 52 12.96 -2.05 7.02
N GLY A 53 13.81 -1.24 6.38
CA GLY A 53 14.38 -1.46 5.08
C GLY A 53 15.89 -1.50 5.13
N HIS A 54 16.81 -0.98 5.94
CA HIS A 54 18.21 -0.96 5.56
C HIS A 54 18.89 -2.32 5.66
N ILE A 55 18.45 -3.18 6.57
CA ILE A 55 19.13 -4.49 6.70
C ILE A 55 18.85 -5.45 5.52
N LYS A 56 17.60 -5.67 5.19
CA LYS A 56 17.30 -6.48 4.02
C LYS A 56 17.78 -5.85 2.69
N ALA A 57 17.74 -4.53 2.58
CA ALA A 57 18.23 -3.86 1.39
C ALA A 57 19.72 -4.24 1.19
N MET A 58 20.54 -4.08 2.22
CA MET A 58 21.97 -4.41 2.06
C MET A 58 22.13 -5.86 1.75
N GLU A 59 21.34 -6.70 2.40
CA GLU A 59 21.52 -8.13 2.29
C GLU A 59 21.16 -8.57 0.85
N PHE A 60 20.19 -7.91 0.24
CA PHE A 60 19.70 -8.39 -1.07
C PHE A 60 20.20 -7.55 -2.23
N GLY A 61 21.06 -6.58 -1.98
CA GLY A 61 21.67 -5.83 -3.07
C GLY A 61 20.82 -4.70 -3.66
N LEU A 62 20.12 -4.01 -2.76
CA LEU A 62 19.31 -2.84 -3.06
C LEU A 62 19.85 -1.60 -2.38
N PRO A 63 19.96 -0.48 -3.10
CA PRO A 63 19.68 -0.36 -4.54
C PRO A 63 20.74 -1.07 -5.38
N GLY A 64 20.41 -1.47 -6.60
CA GLY A 64 21.42 -2.12 -7.41
C GLY A 64 20.84 -2.72 -8.65
N PRO A 65 21.68 -3.39 -9.47
CA PRO A 65 21.18 -4.09 -10.65
C PRO A 65 20.10 -5.11 -10.31
N LYS A 66 19.17 -5.24 -11.25
CA LYS A 66 18.20 -6.30 -11.18
C LYS A 66 18.83 -7.66 -11.37
N ASN A 67 18.54 -8.56 -10.46
CA ASN A 67 18.87 -9.97 -10.62
C ASN A 67 17.88 -10.76 -9.75
N PRO A 68 17.94 -12.09 -9.83
CA PRO A 68 16.89 -12.80 -9.08
C PRO A 68 17.00 -12.60 -7.58
N ARG A 69 18.20 -12.35 -7.05
CA ARG A 69 18.28 -11.99 -5.62
C ARG A 69 17.67 -10.60 -5.27
N SER A 70 18.03 -9.56 -5.99
CA SER A 70 17.48 -8.22 -5.64
C SER A 70 16.01 -8.12 -5.94
N SER A 71 15.53 -8.91 -6.90
CA SER A 71 14.12 -8.94 -7.26
C SER A 71 13.31 -9.50 -6.07
N ILE A 72 13.77 -10.60 -5.49
CA ILE A 72 13.10 -11.11 -4.26
C ILE A 72 13.27 -10.13 -3.10
N GLY A 73 14.44 -9.52 -2.99
CA GLY A 73 14.65 -8.54 -1.91
C GLY A 73 13.70 -7.32 -2.00
N TYR A 74 13.44 -6.92 -3.24
CA TYR A 74 12.51 -5.86 -3.50
C TYR A 74 11.14 -6.14 -2.83
N SER A 75 10.63 -7.35 -3.03
CA SER A 75 9.34 -7.74 -2.42
C SER A 75 9.44 -7.66 -0.91
N ILE A 76 10.52 -8.20 -0.38
CA ILE A 76 10.68 -8.26 1.08
C ILE A 76 10.80 -6.86 1.72
N VAL A 77 11.62 -6.00 1.10
CA VAL A 77 11.89 -4.65 1.63
C VAL A 77 10.62 -3.81 1.58
N HIS A 78 9.87 -3.92 0.49
CA HIS A 78 8.66 -3.18 0.42
C HIS A 78 7.65 -3.68 1.50
N ARG A 79 7.52 -5.00 1.65
CA ARG A 79 6.58 -5.60 2.62
C ARG A 79 6.98 -5.13 4.03
N ASP A 80 8.26 -5.25 4.36
CA ASP A 80 8.76 -4.80 5.67
C ASP A 80 8.42 -3.32 5.91
N MET A 81 8.67 -2.46 4.93
CA MET A 81 8.33 -1.04 5.06
C MET A 81 6.81 -0.83 5.27
N GLU A 82 5.94 -1.58 4.58
CA GLU A 82 4.49 -1.49 4.82
C GLU A 82 4.14 -1.82 6.29
N ASN A 83 4.76 -2.85 6.83
CA ASN A 83 4.59 -3.24 8.24
C ASN A 83 4.97 -2.12 9.17
N LEU A 84 6.09 -1.46 8.93
CA LEU A 84 6.42 -0.31 9.78
C LEU A 84 5.38 0.78 9.56
N ASP A 85 5.07 1.03 8.30
CA ASP A 85 4.18 2.14 8.00
C ASP A 85 2.87 1.93 8.71
N LEU A 86 2.35 0.70 8.75
CA LEU A 86 1.02 0.46 9.32
C LEU A 86 1.01 0.78 10.80
N MET A 87 2.16 0.68 11.46
CA MET A 87 2.25 1.04 12.88
C MET A 87 2.14 2.54 13.06
N VAL A 88 2.66 3.33 12.12
CA VAL A 88 2.50 4.79 12.19
C VAL A 88 1.03 5.17 11.87
N ILE A 89 0.48 4.50 10.87
CA ILE A 89 -0.91 4.71 10.46
C ILE A 89 -1.87 4.36 11.62
N ASP A 90 -1.62 3.24 12.29
CA ASP A 90 -2.46 2.83 13.43
C ASP A 90 -2.49 3.96 14.52
N ALA A 91 -1.33 4.52 14.86
CA ALA A 91 -1.28 5.59 15.89
C ALA A 91 -1.97 6.84 15.39
N MET A 92 -1.77 7.21 14.12
CA MET A 92 -2.53 8.34 13.57
C MET A 92 -4.06 8.15 13.62
N ILE A 93 -4.54 6.95 13.26
CA ILE A 93 -5.95 6.72 13.30
C ILE A 93 -6.43 6.76 14.77
N GLU A 94 -5.60 6.30 15.71
CA GLU A 94 -6.01 6.36 17.10
C GLU A 94 -6.22 7.81 17.60
N MET A 95 -5.40 8.73 17.08
CA MET A 95 -5.48 10.15 17.50
C MET A 95 -6.52 10.92 16.70
N GLY A 96 -7.28 10.20 15.87
CA GLY A 96 -8.35 10.81 15.11
C GLY A 96 -7.88 11.56 13.90
N MET A 97 -6.63 11.37 13.53
CA MET A 97 -6.15 11.89 12.25
C MET A 97 -6.79 11.13 11.09
N ARG A 98 -6.61 11.66 9.87
CA ARG A 98 -7.14 11.07 8.65
C ARG A 98 -5.98 10.71 7.71
N PRO A 99 -5.15 9.77 8.12
CA PRO A 99 -3.97 9.43 7.34
C PRO A 99 -4.34 8.52 6.18
N ILE A 100 -3.48 8.51 5.16
CA ILE A 100 -3.65 7.57 4.04
C ILE A 100 -2.26 7.31 3.47
N SER A 101 -1.79 6.06 3.46
CA SER A 101 -0.42 5.86 2.97
C SER A 101 -0.44 5.95 1.43
N VAL A 102 0.58 6.59 0.87
CA VAL A 102 0.74 6.64 -0.58
C VAL A 102 2.21 6.24 -0.84
N PRO A 103 2.46 4.94 -1.01
CA PRO A 103 3.84 4.49 -1.19
C PRO A 103 4.46 5.00 -2.51
N ILE A 104 5.71 5.42 -2.46
CA ILE A 104 6.49 5.75 -3.67
C ILE A 104 6.47 4.58 -4.68
N SER A 105 6.43 3.36 -4.18
CA SER A 105 6.48 2.17 -5.06
C SER A 105 5.21 2.03 -5.96
N ALA A 106 4.17 2.79 -5.67
CA ALA A 106 2.92 2.75 -6.41
C ALA A 106 2.69 3.95 -7.35
N LEU A 107 3.64 4.90 -7.37
CA LEU A 107 3.54 6.10 -8.19
C LEU A 107 4.17 5.91 -9.57
N ARG A 108 3.65 6.63 -10.57
CA ARG A 108 4.29 6.63 -11.88
C ARG A 108 5.67 7.24 -11.72
N TYR A 109 6.64 6.75 -12.49
CA TYR A 109 8.00 7.29 -12.39
C TYR A 109 8.64 7.37 -13.79
N ASP A 110 9.22 8.52 -14.13
CA ASP A 110 9.91 8.65 -15.44
C ASP A 110 11.29 9.29 -15.25
N GLY A 111 11.86 9.12 -14.05
CA GLY A 111 13.01 9.91 -13.64
C GLY A 111 12.68 10.81 -12.45
N ARG A 112 11.43 11.30 -12.38
CA ARG A 112 10.87 11.85 -11.15
C ARG A 112 9.51 11.17 -10.85
N PHE A 113 9.01 11.24 -9.61
CA PHE A 113 7.76 10.57 -9.28
C PHE A 113 6.53 11.46 -9.53
N ASP A 114 5.43 10.86 -10.00
CA ASP A 114 4.20 11.63 -10.19
C ASP A 114 3.46 11.61 -8.86
N TYR A 115 3.54 12.71 -8.12
CA TYR A 115 2.92 12.73 -6.78
C TYR A 115 1.47 13.18 -6.81
N THR A 116 0.87 13.29 -8.00
CA THR A 116 -0.50 13.77 -8.10
C THR A 116 -1.46 13.13 -7.05
N PRO A 117 -1.35 11.81 -6.80
CA PRO A 117 -2.23 11.19 -5.79
C PRO A 117 -2.06 11.76 -4.36
N LEU A 118 -0.84 12.11 -3.93
CA LEU A 118 -0.62 12.78 -2.61
C LEU A 118 -1.26 14.16 -2.60
N ILE A 119 -1.07 14.92 -3.67
CA ILE A 119 -1.64 16.27 -3.74
C ILE A 119 -3.17 16.25 -3.68
N ARG A 120 -3.77 15.33 -4.44
CA ARG A 120 -5.21 15.09 -4.40
C ARG A 120 -5.68 14.81 -2.99
N TYR A 121 -4.96 13.96 -2.27
CA TYR A 121 -5.34 13.69 -0.87
C TYR A 121 -5.27 14.97 0.02
N ILE A 122 -4.23 15.76 -0.14
CA ILE A 122 -4.08 16.96 0.66
C ILE A 122 -5.27 17.84 0.37
N ASP A 123 -5.62 18.02 -0.90
CA ASP A 123 -6.76 18.86 -1.30
C ASP A 123 -8.08 18.36 -0.74
N ALA A 124 -8.20 17.06 -0.54
CA ALA A 124 -9.44 16.50 0.00
C ALA A 124 -9.40 16.44 1.52
N GLY A 125 -8.31 16.88 2.15
CA GLY A 125 -8.36 16.95 3.59
C GLY A 125 -7.65 15.80 4.30
N PHE A 126 -6.98 14.92 3.57
CA PHE A 126 -6.28 13.80 4.24
C PHE A 126 -4.84 14.23 4.56
N VAL A 127 -4.18 13.47 5.41
CA VAL A 127 -2.77 13.65 5.62
C VAL A 127 -2.09 12.45 4.95
N PRO A 128 -1.56 12.62 3.74
CA PRO A 128 -0.82 11.51 3.07
C PRO A 128 0.42 11.18 3.83
N VAL A 129 0.70 9.87 3.94
CA VAL A 129 1.86 9.37 4.62
C VAL A 129 2.71 8.60 3.61
N SER A 130 3.96 8.97 3.46
CA SER A 130 4.82 8.20 2.55
C SER A 130 6.11 7.89 3.25
N TYR A 131 6.96 7.07 2.62
CA TYR A 131 8.12 6.54 3.33
C TYR A 131 9.19 6.05 2.34
N GLY A 132 10.40 5.90 2.85
CA GLY A 132 11.57 5.49 2.08
C GLY A 132 11.25 4.11 1.60
N ASP A 133 11.52 3.83 0.32
CA ASP A 133 10.91 2.66 -0.33
C ASP A 133 11.75 2.24 -1.58
N VAL A 134 11.62 0.99 -2.00
CA VAL A 134 12.17 0.56 -3.29
C VAL A 134 11.35 1.12 -4.48
N TYR A 135 11.96 1.19 -5.64
CA TYR A 135 11.21 1.55 -6.85
C TYR A 135 12.00 0.99 -8.01
N ILE A 136 11.34 0.89 -9.17
CA ILE A 136 11.99 0.44 -10.40
C ILE A 136 12.60 1.67 -11.08
N LYS A 137 13.91 1.76 -11.04
CA LYS A 137 14.61 2.94 -11.59
C LYS A 137 14.67 2.89 -13.11
N ASP A 138 14.83 1.67 -13.63
CA ASP A 138 14.78 1.42 -15.10
C ASP A 138 14.72 -0.11 -15.31
N GLU A 139 14.67 -0.57 -16.57
CA GLU A 139 14.44 -2.00 -16.84
C GLU A 139 15.48 -2.96 -16.27
N HIS A 140 16.63 -2.45 -15.83
CA HIS A 140 17.67 -3.30 -15.24
C HIS A 140 18.16 -2.83 -13.85
N SER A 141 17.40 -1.97 -13.16
CA SER A 141 17.89 -1.34 -11.92
C SER A 141 16.75 -1.09 -10.96
N TYR A 142 16.99 -1.40 -9.69
CA TYR A 142 16.08 -1.10 -8.60
C TYR A 142 16.69 0.00 -7.74
N GLY A 143 15.92 1.05 -7.47
CA GLY A 143 16.47 2.11 -6.63
C GLY A 143 15.89 2.01 -5.22
N ILE A 144 16.45 2.80 -4.30
CA ILE A 144 15.82 3.04 -3.00
C ILE A 144 15.66 4.57 -2.91
N TYR A 145 14.45 5.02 -2.70
CA TYR A 145 14.21 6.47 -2.51
C TYR A 145 14.03 6.70 -1.04
N SER A 146 14.89 7.51 -0.44
CA SER A 146 14.83 7.63 1.00
C SER A 146 13.75 8.66 1.41
N GLY A 147 13.38 8.63 2.68
CA GLY A 147 12.45 9.61 3.15
C GLY A 147 12.97 11.03 2.98
N ASP A 148 14.28 11.26 3.01
CA ASP A 148 14.82 12.62 2.80
C ASP A 148 14.57 13.06 1.33
N ASP A 149 14.78 12.17 0.37
CA ASP A 149 14.45 12.42 -1.04
C ASP A 149 13.01 12.86 -1.20
N ILE A 150 12.12 12.10 -0.59
CA ILE A 150 10.70 12.38 -0.66
C ILE A 150 10.42 13.76 -0.03
N MET A 151 10.95 14.00 1.17
CA MET A 151 10.81 15.35 1.77
C MET A 151 11.30 16.50 0.84
N ALA A 152 12.45 16.36 0.17
CA ALA A 152 12.93 17.35 -0.80
C ALA A 152 11.90 17.54 -1.93
N ASP A 153 11.36 16.45 -2.46
CA ASP A 153 10.28 16.53 -3.47
C ASP A 153 9.06 17.27 -2.94
N MET A 154 8.68 16.96 -1.71
CA MET A 154 7.45 17.53 -1.18
C MET A 154 7.64 19.03 -0.91
N ALA A 155 8.85 19.42 -0.51
CA ALA A 155 9.16 20.85 -0.30
C ALA A 155 9.03 21.60 -1.61
N GLU A 156 9.65 21.04 -2.64
CA GLU A 156 9.63 21.67 -3.92
C GLU A 156 8.18 21.77 -4.44
N LEU A 157 7.36 20.75 -4.21
CA LEU A 157 6.03 20.73 -4.82
C LEU A 157 5.03 21.60 -4.05
N LEU A 158 5.08 21.58 -2.72
CA LEU A 158 4.08 22.22 -1.89
C LEU A 158 4.52 23.63 -1.45
N LYS A 159 5.81 23.94 -1.55
CA LYS A 159 6.43 25.13 -0.92
C LYS A 159 5.83 25.42 0.49
N PRO A 160 6.04 24.48 1.43
CA PRO A 160 5.40 24.63 2.74
C PRO A 160 6.10 25.73 3.47
N ASP A 161 5.50 26.26 4.52
CA ASP A 161 6.18 27.27 5.34
C ASP A 161 7.25 26.71 6.26
N VAL A 162 7.08 25.49 6.69
CA VAL A 162 8.05 24.87 7.58
C VAL A 162 8.25 23.39 7.25
N ALA A 163 9.49 22.88 7.33
CA ALA A 163 9.74 21.43 7.23
C ALA A 163 10.45 20.99 8.50
N VAL A 164 10.07 19.84 9.08
CA VAL A 164 10.71 19.30 10.27
C VAL A 164 11.22 17.90 10.01
N PHE A 165 12.46 17.66 10.39
CA PHE A 165 13.00 16.30 10.43
C PHE A 165 13.21 15.89 11.88
N LEU A 166 12.68 14.72 12.26
CA LEU A 166 12.95 14.18 13.58
C LEU A 166 14.01 13.11 13.48
N THR A 167 15.12 13.25 14.23
CA THR A 167 16.10 12.14 14.34
C THR A 167 16.29 11.80 15.81
N ASP A 168 17.29 10.98 16.14
CA ASP A 168 17.43 10.55 17.52
C ASP A 168 18.49 11.39 18.28
N VAL A 169 18.93 12.50 17.70
CA VAL A 169 19.80 13.44 18.41
C VAL A 169 19.14 14.84 18.39
N ASP A 170 19.66 15.78 19.18
CA ASP A 170 19.05 17.06 19.44
C ASP A 170 19.01 18.00 18.22
N GLY A 171 19.86 17.75 17.23
CA GLY A 171 19.93 18.61 16.06
C GLY A 171 21.15 18.22 15.21
N ILE A 172 21.52 19.08 14.27
CA ILE A 172 22.82 18.94 13.56
C ILE A 172 23.93 19.46 14.47
N TYR A 173 24.97 18.64 14.62
CA TYR A 173 26.13 18.98 15.40
C TYR A 173 27.28 19.18 14.46
N SER A 174 28.33 19.76 15.00
CA SER A 174 29.58 19.96 14.28
C SER A 174 30.13 18.60 13.82
N LYS A 175 29.97 17.56 14.65
CA LYS A 175 30.34 16.20 14.24
C LYS A 175 29.40 15.22 14.91
N ASP A 176 29.48 13.95 14.52
CA ASP A 176 28.55 12.93 15.06
C ASP A 176 28.64 12.92 16.56
N PRO A 177 27.57 13.31 17.26
CA PRO A 177 27.70 13.47 18.70
C PRO A 177 27.88 12.13 19.40
N LYS A 178 27.50 11.05 18.74
CA LYS A 178 27.64 9.74 19.35
C LYS A 178 29.08 9.28 19.34
N ARG A 179 29.84 9.68 18.32
CA ARG A 179 31.27 9.38 18.32
C ARG A 179 32.08 10.39 19.13
N ASN A 180 31.59 11.63 19.22
CA ASN A 180 32.42 12.77 19.59
C ASN A 180 31.86 13.55 20.74
N PRO A 181 32.22 13.15 21.96
CA PRO A 181 31.82 13.81 23.20
C PRO A 181 31.97 15.33 23.15
N ASP A 182 32.89 15.81 22.31
CA ASP A 182 33.13 17.24 22.17
C ASP A 182 32.28 17.99 21.08
N ALA A 183 31.52 17.25 20.26
CA ALA A 183 30.64 17.84 19.24
C ALA A 183 29.74 18.94 19.81
N VAL A 184 29.53 20.03 19.06
CA VAL A 184 28.61 21.09 19.53
C VAL A 184 27.37 21.20 18.66
N LEU A 185 26.23 21.36 19.32
CA LEU A 185 24.95 21.51 18.66
C LEU A 185 25.04 22.78 17.80
N LEU A 186 24.52 22.73 16.58
CA LEU A 186 24.47 23.92 15.74
C LEU A 186 23.05 24.38 15.70
N ARG A 187 22.82 25.46 16.41
CA ARG A 187 21.51 26.03 16.58
C ARG A 187 21.00 26.62 15.26
N ASP A 188 21.87 27.24 14.46
CA ASP A 188 21.41 27.99 13.29
C ASP A 188 22.35 27.76 12.15
N ILE A 189 21.86 27.31 11.00
CA ILE A 189 22.72 27.09 9.87
C ILE A 189 22.20 27.96 8.71
N ASP A 190 23.09 28.64 7.99
CA ASP A 190 22.63 29.38 6.83
C ASP A 190 22.89 28.62 5.53
N THR A 191 22.44 29.20 4.42
CA THR A 191 22.48 28.47 3.13
C THR A 191 23.70 28.71 2.24
N ASN A 192 24.76 29.35 2.75
CA ASN A 192 25.97 29.59 1.94
C ASN A 192 27.21 28.92 2.55
N ILE A 206 25.58 12.15 8.30
CA ILE A 206 24.45 13.04 8.05
C ILE A 206 24.66 13.86 6.78
N GLY A 207 25.83 13.70 6.16
CA GLY A 207 26.27 14.58 5.08
C GLY A 207 25.29 14.64 3.93
N LYS A 208 24.70 13.51 3.60
CA LYS A 208 23.79 13.51 2.46
C LYS A 208 22.49 14.14 2.90
N LYS A 209 22.13 13.84 4.15
CA LYS A 209 20.87 14.31 4.68
C LYS A 209 20.97 15.80 4.74
N PHE A 210 22.15 16.29 5.09
CA PHE A 210 22.30 17.70 5.43
C PHE A 210 22.26 18.52 4.16
N GLU A 211 22.94 18.03 3.13
CA GLU A 211 22.90 18.63 1.81
C GLU A 211 21.48 18.86 1.33
N SER A 212 20.69 17.80 1.29
CA SER A 212 19.33 17.95 0.80
C SER A 212 18.44 18.81 1.74
N MET A 213 18.76 18.87 3.02
CA MET A 213 17.99 19.77 3.88
C MET A 213 18.34 21.21 3.50
N VAL A 214 19.62 21.47 3.30
CA VAL A 214 20.03 22.83 2.99
C VAL A 214 19.39 23.22 1.69
N LYS A 215 19.36 22.29 0.74
CA LYS A 215 18.74 22.59 -0.55
C LYS A 215 17.24 22.80 -0.46
N MET A 216 16.58 22.15 0.50
CA MET A 216 15.13 22.38 0.67
C MET A 216 14.79 23.79 1.06
N LYS A 217 15.70 24.47 1.74
CA LYS A 217 15.36 25.77 2.26
C LYS A 217 14.93 26.73 1.13
N SER A 218 15.40 26.53 -0.10
CA SER A 218 14.98 27.43 -1.17
C SER A 218 13.47 27.33 -1.43
N SER A 219 12.85 26.21 -1.05
CA SER A 219 11.40 26.02 -1.24
C SER A 219 10.57 26.15 0.06
N VAL A 220 11.21 26.41 1.19
CA VAL A 220 10.52 26.40 2.48
C VAL A 220 10.71 27.77 3.12
N LYS A 221 9.64 28.55 3.23
CA LYS A 221 9.74 29.97 3.60
C LYS A 221 10.43 30.24 4.95
N ASN A 222 9.97 29.58 5.99
CA ASN A 222 10.38 29.85 7.35
C ASN A 222 11.26 28.83 8.06
N GLY A 223 11.98 27.96 7.38
CA GLY A 223 12.92 27.11 8.10
C GLY A 223 12.73 25.63 7.94
N VAL A 224 13.85 24.97 7.81
CA VAL A 224 13.93 23.52 7.79
C VAL A 224 14.59 23.17 9.15
N TYR A 225 13.86 22.49 10.01
CA TYR A 225 14.30 22.16 11.36
C TYR A 225 14.75 20.71 11.49
N LEU A 226 15.74 20.49 12.36
CA LEU A 226 16.07 19.17 12.82
C LEU A 226 15.90 19.13 14.31
N ILE A 227 15.06 18.21 14.77
CA ILE A 227 14.60 18.16 16.15
C ILE A 227 14.73 16.74 16.65
N ASN A 228 15.00 16.57 17.93
CA ASN A 228 15.08 15.23 18.50
C ASN A 228 13.68 14.56 18.59
N GLY A 229 13.43 13.56 17.75
CA GLY A 229 12.18 12.79 17.83
C GLY A 229 11.83 12.15 19.18
N ASN A 230 12.80 12.02 20.07
CA ASN A 230 12.49 11.62 21.45
C ASN A 230 11.95 12.80 22.30
N HIS A 231 11.93 13.99 21.70
CA HIS A 231 11.35 15.23 22.29
C HIS A 231 10.41 15.94 21.33
N PRO A 232 9.35 15.24 20.90
CA PRO A 232 8.42 15.74 19.88
C PRO A 232 7.76 17.01 20.37
N GLU A 233 7.66 17.19 21.68
CA GLU A 233 7.03 18.43 22.20
C GLU A 233 7.82 19.67 21.76
N ARG A 234 9.09 19.49 21.39
CA ARG A 234 9.90 20.64 20.92
C ARG A 234 9.35 21.25 19.63
N ILE A 235 8.62 20.47 18.83
CA ILE A 235 8.01 21.05 17.62
C ILE A 235 7.20 22.31 17.99
N GLY A 236 6.52 22.25 19.13
CA GLY A 236 5.76 23.38 19.64
C GLY A 236 6.58 24.50 20.26
N ASP A 237 7.89 24.31 20.47
CA ASP A 237 8.74 25.37 21.01
C ASP A 237 9.44 26.16 19.92
N ILE A 238 9.16 25.85 18.66
CA ILE A 238 9.72 26.59 17.56
C ILE A 238 9.39 28.06 17.77
N GLY A 239 10.39 28.92 17.73
CA GLY A 239 10.19 30.33 18.00
C GLY A 239 10.51 30.79 19.41
N LYS A 240 10.39 29.90 20.38
CA LYS A 240 10.72 30.24 21.76
C LYS A 240 12.24 30.14 22.11
N GLU A 241 12.65 30.87 23.15
CA GLU A 241 14.05 30.91 23.60
C GLU A 241 14.39 29.50 23.98
N SER A 242 13.43 28.91 24.67
CA SER A 242 13.50 27.56 25.13
C SER A 242 13.84 26.51 24.03
N PHE A 243 13.71 26.87 22.77
CA PHE A 243 13.75 25.85 21.69
C PHE A 243 15.09 25.16 21.70
N ILE A 244 15.10 23.84 21.69
CA ILE A 244 16.33 23.07 21.45
C ILE A 244 16.24 22.30 20.13
N GLY A 245 17.18 22.54 19.22
CA GLY A 245 17.04 22.02 17.87
C GLY A 245 17.91 22.80 16.90
N THR A 246 17.92 22.40 15.64
CA THR A 246 18.66 23.15 14.61
C THR A 246 17.68 23.74 13.61
N VAL A 247 17.90 24.98 13.19
CA VAL A 247 17.13 25.53 12.10
C VAL A 247 18.07 25.90 10.94
N ILE A 248 17.64 25.57 9.71
CA ILE A 248 18.35 26.02 8.52
C ILE A 248 17.48 27.14 7.97
N ARG A 249 17.99 28.36 7.84
CA ARG A 249 17.14 29.55 7.67
C ARG A 249 17.80 30.55 6.69
N PHE B 3 1.49 -22.08 -22.11
CA PHE B 3 1.07 -21.49 -20.81
C PHE B 3 -0.27 -20.87 -21.10
N THR B 4 -1.01 -20.56 -20.06
CA THR B 4 -2.08 -19.62 -20.26
C THR B 4 -1.73 -18.43 -19.37
N MET B 5 -2.10 -17.26 -19.82
CA MET B 5 -1.96 -16.05 -19.07
C MET B 5 -3.24 -15.97 -18.25
N MET B 6 -3.10 -16.06 -16.94
CA MET B 6 -4.25 -16.07 -16.02
C MET B 6 -4.22 -14.86 -15.11
N ILE B 7 -5.35 -14.21 -14.89
CA ILE B 7 -5.55 -13.35 -13.71
C ILE B 7 -6.47 -14.09 -12.75
N LEU B 8 -6.34 -13.88 -11.44
CA LEU B 8 -7.13 -14.60 -10.44
C LEU B 8 -7.52 -13.70 -9.27
N LYS B 9 -8.73 -13.85 -8.77
CA LYS B 9 -9.20 -13.09 -7.60
C LYS B 9 -9.43 -14.06 -6.45
N ILE B 10 -8.86 -13.79 -5.28
CA ILE B 10 -9.17 -14.51 -4.06
C ILE B 10 -10.33 -13.78 -3.32
N GLY B 11 -11.53 -14.37 -3.30
CA GLY B 11 -12.68 -13.74 -2.68
C GLY B 11 -12.45 -13.56 -1.17
N GLY B 12 -12.85 -12.44 -0.60
CA GLY B 12 -12.86 -12.33 0.86
C GLY B 12 -13.72 -13.42 1.54
N SER B 13 -14.72 -13.95 0.86
CA SER B 13 -15.57 -14.96 1.50
C SER B 13 -14.73 -16.16 1.92
N VAL B 14 -13.62 -16.39 1.22
CA VAL B 14 -12.80 -17.55 1.49
C VAL B 14 -11.59 -17.23 2.33
N ILE B 15 -11.07 -16.01 2.30
CA ILE B 15 -9.90 -15.74 3.14
C ILE B 15 -10.24 -14.90 4.38
N THR B 16 -11.52 -14.61 4.60
CA THR B 16 -11.89 -13.95 5.83
C THR B 16 -13.08 -14.68 6.40
N ASP B 17 -13.30 -14.54 7.69
CA ASP B 17 -14.56 -14.91 8.29
C ASP B 17 -15.44 -13.66 8.18
N LYS B 18 -16.35 -13.69 7.22
CA LYS B 18 -17.12 -12.49 6.83
C LYS B 18 -18.02 -11.95 7.96
N SER B 19 -18.33 -12.79 8.94
CA SER B 19 -19.21 -12.38 10.04
C SER B 19 -18.43 -11.65 11.13
N ALA B 20 -17.14 -11.95 11.27
CA ALA B 20 -16.35 -11.45 12.40
C ALA B 20 -15.29 -10.43 11.95
N TYR B 21 -15.44 -9.18 12.38
CA TYR B 21 -14.51 -8.12 12.02
C TYR B 21 -12.99 -8.52 12.09
N ARG B 22 -12.21 -8.10 11.08
CA ARG B 22 -10.79 -8.45 10.90
C ARG B 22 -10.46 -9.92 11.20
N THR B 23 -11.28 -10.84 10.70
CA THR B 23 -11.00 -12.24 10.94
C THR B 23 -10.64 -12.89 9.61
N ALA B 24 -9.36 -13.28 9.48
CA ALA B 24 -8.83 -13.99 8.30
C ALA B 24 -8.91 -15.49 8.51
N ARG B 25 -8.74 -16.24 7.42
CA ARG B 25 -8.55 -17.69 7.45
C ARG B 25 -7.16 -18.11 6.97
N THR B 26 -6.21 -18.20 7.88
CA THR B 26 -4.82 -18.37 7.50
C THR B 26 -4.51 -19.66 6.69
N TYR B 27 -5.20 -20.74 7.02
CA TYR B 27 -4.86 -21.97 6.37
C TYR B 27 -5.40 -21.85 4.95
N ALA B 28 -6.58 -21.25 4.77
CA ALA B 28 -7.14 -21.10 3.42
C ALA B 28 -6.17 -20.25 2.58
N ILE B 29 -5.63 -19.18 3.18
CA ILE B 29 -4.72 -18.29 2.46
C ILE B 29 -3.49 -19.07 2.02
N ARG B 30 -2.90 -19.86 2.93
CA ARG B 30 -1.66 -20.57 2.61
C ARG B 30 -1.87 -21.65 1.56
N SER B 31 -3.03 -22.28 1.64
CA SER B 31 -3.39 -23.33 0.74
C SER B 31 -3.59 -22.82 -0.70
N ILE B 32 -4.27 -21.67 -0.83
CA ILE B 32 -4.45 -21.03 -2.09
C ILE B 32 -3.08 -20.61 -2.62
N VAL B 33 -2.25 -20.00 -1.79
CA VAL B 33 -1.05 -19.40 -2.27
C VAL B 33 -0.07 -20.52 -2.74
N LYS B 34 -0.15 -21.68 -2.09
CA LYS B 34 0.65 -22.81 -2.53
C LYS B 34 0.26 -23.15 -3.97
N VAL B 35 -1.03 -23.14 -4.30
CA VAL B 35 -1.42 -23.39 -5.69
C VAL B 35 -0.93 -22.24 -6.61
N LEU B 36 -1.08 -20.98 -6.19
CA LEU B 36 -0.65 -19.86 -7.02
C LEU B 36 0.82 -19.96 -7.38
N SER B 37 1.62 -20.44 -6.44
CA SER B 37 3.05 -20.36 -6.65
C SER B 37 3.48 -21.34 -7.76
N GLY B 38 2.60 -22.28 -8.12
CA GLY B 38 2.91 -23.22 -9.18
C GLY B 38 2.32 -22.79 -10.51
N ILE B 39 1.57 -21.70 -10.55
CA ILE B 39 1.04 -21.22 -11.86
C ILE B 39 2.13 -20.54 -12.70
N GLU B 40 2.28 -21.00 -13.93
CA GLU B 40 3.36 -20.58 -14.81
C GLU B 40 3.32 -19.13 -15.23
N ASP B 41 2.14 -18.62 -15.56
CA ASP B 41 2.06 -17.27 -16.02
C ASP B 41 0.87 -16.63 -15.28
N LEU B 42 0.97 -16.53 -13.96
CA LEU B 42 -0.05 -15.80 -13.19
C LEU B 42 0.27 -14.30 -13.36
N VAL B 43 -0.53 -13.53 -14.08
CA VAL B 43 -0.10 -12.17 -14.42
C VAL B 43 -0.38 -11.20 -13.28
N CYS B 44 -1.54 -11.40 -12.63
CA CYS B 44 -2.14 -10.46 -11.67
C CYS B 44 -2.91 -11.25 -10.63
N VAL B 45 -2.82 -10.82 -9.37
CA VAL B 45 -3.71 -11.38 -8.35
C VAL B 45 -4.54 -10.24 -7.74
N VAL B 46 -5.85 -10.45 -7.57
CA VAL B 46 -6.69 -9.46 -6.85
C VAL B 46 -7.27 -10.18 -5.63
N HIS B 47 -7.64 -9.48 -4.55
CA HIS B 47 -8.42 -10.12 -3.47
C HIS B 47 -9.48 -9.16 -2.96
N GLY B 48 -10.55 -9.69 -2.40
CA GLY B 48 -11.62 -8.89 -1.83
C GLY B 48 -11.36 -8.75 -0.35
N GLY B 49 -12.35 -8.24 0.39
CA GLY B 49 -12.15 -7.89 1.79
C GLY B 49 -13.00 -8.67 2.79
N GLY B 50 -14.11 -9.25 2.38
CA GLY B 50 -14.91 -9.88 3.42
C GLY B 50 -14.88 -8.95 4.66
N SER B 51 -14.43 -9.47 5.81
CA SER B 51 -14.60 -8.78 7.08
C SER B 51 -13.54 -7.70 7.37
N PHE B 52 -12.57 -7.56 6.46
CA PHE B 52 -11.58 -6.50 6.55
C PHE B 52 -12.06 -5.28 5.74
N GLY B 53 -13.21 -5.40 5.07
CA GLY B 53 -13.87 -4.25 4.44
C GLY B 53 -15.38 -4.04 4.72
N HIS B 54 -16.25 -4.97 4.31
CA HIS B 54 -17.66 -4.63 4.08
C HIS B 54 -18.35 -4.20 5.36
N ILE B 55 -17.76 -4.63 6.47
CA ILE B 55 -18.28 -4.45 7.82
C ILE B 55 -18.17 -3.01 8.24
N LYS B 56 -16.92 -2.58 8.45
CA LYS B 56 -16.66 -1.19 8.68
C LYS B 56 -17.19 -0.27 7.58
N ALA B 57 -17.19 -0.69 6.31
CA ALA B 57 -17.45 0.26 5.26
C ALA B 57 -18.88 0.74 5.40
N MET B 58 -19.76 -0.24 5.55
CA MET B 58 -21.18 0.01 5.62
C MET B 58 -21.44 0.91 6.82
N GLU B 59 -20.84 0.54 7.95
CA GLU B 59 -20.97 1.31 9.19
C GLU B 59 -20.43 2.77 9.11
N PHE B 60 -19.47 3.04 8.23
CA PHE B 60 -18.92 4.41 8.10
C PHE B 60 -19.56 5.22 6.99
N GLY B 61 -20.45 4.61 6.22
CA GLY B 61 -21.12 5.36 5.17
C GLY B 61 -20.27 5.40 3.92
N LEU B 62 -19.60 4.28 3.65
CA LEU B 62 -18.77 4.10 2.46
C LEU B 62 -19.34 2.90 1.65
N PRO B 63 -19.56 3.08 0.34
CA PRO B 63 -19.35 4.36 -0.35
C PRO B 63 -20.45 5.32 0.02
N GLY B 64 -20.23 6.60 -0.24
CA GLY B 64 -21.22 7.63 0.09
C GLY B 64 -20.65 9.04 0.18
N PRO B 65 -21.47 10.00 0.61
CA PRO B 65 -20.99 11.40 0.73
C PRO B 65 -19.85 11.53 1.77
N LYS B 66 -19.01 12.48 1.52
CA LYS B 66 -17.94 12.86 2.45
C LYS B 66 -18.55 13.52 3.69
N ASN B 67 -18.21 13.01 4.87
CA ASN B 67 -18.57 13.74 6.08
C ASN B 67 -17.48 13.25 7.00
N PRO B 68 -17.42 13.73 8.25
CA PRO B 68 -16.28 13.36 9.09
C PRO B 68 -16.22 11.89 9.47
N ARG B 69 -17.37 11.26 9.68
CA ARG B 69 -17.42 9.79 9.83
C ARG B 69 -16.91 9.05 8.59
N SER B 70 -17.37 9.40 7.40
CA SER B 70 -16.89 8.62 6.24
C SER B 70 -15.41 8.92 5.95
N SER B 71 -14.94 10.11 6.29
CA SER B 71 -13.56 10.49 6.08
C SER B 71 -12.58 9.69 7.00
N ILE B 72 -12.95 9.52 8.26
CA ILE B 72 -12.15 8.74 9.22
C ILE B 72 -12.29 7.31 8.80
N GLY B 73 -13.52 6.95 8.46
CA GLY B 73 -13.83 5.64 7.92
C GLY B 73 -12.94 5.27 6.74
N TYR B 74 -12.69 6.23 5.87
CA TYR B 74 -11.83 5.99 4.68
C TYR B 74 -10.41 5.50 5.11
N SER B 75 -9.77 6.25 6.02
CA SER B 75 -8.49 5.85 6.55
C SER B 75 -8.56 4.46 7.17
N ILE B 76 -9.58 4.20 7.97
CA ILE B 76 -9.66 2.94 8.66
C ILE B 76 -9.89 1.77 7.71
N VAL B 77 -10.75 1.93 6.72
CA VAL B 77 -11.05 0.80 5.82
C VAL B 77 -9.79 0.51 5.03
N HIS B 78 -9.09 1.56 4.62
CA HIS B 78 -7.91 1.31 3.80
C HIS B 78 -6.83 0.61 4.66
N ARG B 79 -6.62 1.08 5.91
CA ARG B 79 -5.69 0.43 6.84
C ARG B 79 -6.00 -1.07 7.01
N ASP B 80 -7.27 -1.39 7.31
CA ASP B 80 -7.68 -2.78 7.52
C ASP B 80 -7.41 -3.62 6.25
N MET B 81 -7.69 -3.04 5.08
CA MET B 81 -7.56 -3.77 3.79
C MET B 81 -6.07 -4.13 3.57
N GLU B 82 -5.21 -3.14 3.84
CA GLU B 82 -3.77 -3.34 3.83
C GLU B 82 -3.33 -4.49 4.76
N ASN B 83 -3.87 -4.53 5.97
CA ASN B 83 -3.54 -5.61 6.91
C ASN B 83 -3.90 -6.96 6.33
N LEU B 84 -5.07 -7.09 5.71
CA LEU B 84 -5.44 -8.37 5.11
C LEU B 84 -4.48 -8.68 3.97
N ASP B 85 -4.26 -7.67 3.14
CA ASP B 85 -3.40 -7.85 1.97
C ASP B 85 -2.01 -8.38 2.37
N LEU B 86 -1.41 -7.80 3.43
CA LEU B 86 -0.12 -8.25 3.93
C LEU B 86 -0.10 -9.71 4.33
N MET B 87 -1.20 -10.26 4.87
CA MET B 87 -1.25 -11.71 5.10
C MET B 87 -1.07 -12.48 3.78
N VAL B 88 -1.66 -11.97 2.71
CA VAL B 88 -1.55 -12.63 1.42
C VAL B 88 -0.12 -12.49 0.93
N ILE B 89 0.40 -11.27 0.99
CA ILE B 89 1.80 -11.02 0.56
C ILE B 89 2.79 -11.90 1.33
N ASP B 90 2.58 -12.02 2.63
CA ASP B 90 3.55 -12.76 3.48
C ASP B 90 3.60 -14.23 3.01
N ALA B 91 2.44 -14.87 2.88
CA ALA B 91 2.40 -16.24 2.31
C ALA B 91 3.10 -16.35 0.95
N MET B 92 2.92 -15.36 0.08
CA MET B 92 3.48 -15.44 -1.28
C MET B 92 5.00 -15.38 -1.20
N ILE B 93 5.51 -14.47 -0.35
CA ILE B 93 6.95 -14.33 -0.17
C ILE B 93 7.51 -15.63 0.45
N GLU B 94 6.79 -16.19 1.42
CA GLU B 94 7.21 -17.45 2.11
C GLU B 94 7.33 -18.61 1.11
N MET B 95 6.51 -18.58 0.08
CA MET B 95 6.49 -19.68 -0.87
C MET B 95 7.24 -19.38 -2.17
N GLY B 96 8.18 -18.45 -2.12
CA GLY B 96 9.06 -18.19 -3.24
C GLY B 96 8.56 -17.23 -4.32
N MET B 97 7.34 -16.68 -4.19
CA MET B 97 6.83 -15.75 -5.21
C MET B 97 7.47 -14.35 -5.10
N ARG B 98 7.24 -13.48 -6.11
CA ARG B 98 7.70 -12.07 -6.08
C ARG B 98 6.54 -11.10 -6.15
N PRO B 99 5.75 -11.01 -5.07
CA PRO B 99 4.55 -10.16 -5.08
C PRO B 99 4.90 -8.70 -4.81
N ILE B 100 4.05 -7.80 -5.25
CA ILE B 100 4.20 -6.37 -4.87
C ILE B 100 2.76 -5.79 -4.82
N SER B 101 2.38 -5.16 -3.71
CA SER B 101 1.03 -4.66 -3.58
C SER B 101 0.98 -3.37 -4.38
N VAL B 102 -0.14 -3.17 -5.07
CA VAL B 102 -0.34 -1.95 -5.82
C VAL B 102 -1.75 -1.47 -5.49
N PRO B 103 -1.87 -0.59 -4.50
CA PRO B 103 -3.26 -0.36 -4.08
C PRO B 103 -4.02 0.67 -4.94
N ILE B 104 -5.28 0.40 -5.27
CA ILE B 104 -6.14 1.28 -6.05
C ILE B 104 -6.20 2.68 -5.43
N SER B 105 -6.11 2.77 -4.10
CA SER B 105 -6.25 4.08 -3.45
C SER B 105 -5.01 4.96 -3.67
N ALA B 106 -3.95 4.40 -4.21
CA ALA B 106 -2.75 5.16 -4.50
C ALA B 106 -2.63 5.49 -5.99
N LEU B 107 -3.58 5.05 -6.82
CA LEU B 107 -3.51 5.34 -8.26
C LEU B 107 -4.20 6.66 -8.62
N ARG B 108 -3.76 7.30 -9.69
CA ARG B 108 -4.45 8.47 -10.23
C ARG B 108 -5.79 8.01 -10.72
N TYR B 109 -6.83 8.81 -10.52
CA TYR B 109 -8.15 8.47 -11.02
C TYR B 109 -8.82 9.71 -11.62
N ASP B 110 -9.41 9.56 -12.80
CA ASP B 110 -10.12 10.66 -13.45
C ASP B 110 -11.46 10.14 -13.97
N GLY B 111 -11.96 9.06 -13.39
CA GLY B 111 -13.11 8.41 -13.99
C GLY B 111 -12.73 6.97 -14.25
N ARG B 112 -11.46 6.78 -14.66
CA ARG B 112 -10.82 5.46 -14.61
C ARG B 112 -9.50 5.60 -13.81
N PHE B 113 -8.97 4.48 -13.38
CA PHE B 113 -7.71 4.44 -12.66
C PHE B 113 -6.52 4.35 -13.65
N ASP B 114 -5.40 4.97 -13.36
CA ASP B 114 -4.22 4.80 -14.22
C ASP B 114 -3.40 3.63 -13.62
N TYR B 115 -3.48 2.48 -14.27
CA TYR B 115 -2.85 1.28 -13.79
C TYR B 115 -1.37 1.20 -14.30
N THR B 116 -0.84 2.27 -14.85
CA THR B 116 0.53 2.22 -15.35
C THR B 116 1.58 1.54 -14.42
N PRO B 117 1.59 1.87 -13.11
CA PRO B 117 2.54 1.24 -12.16
C PRO B 117 2.40 -0.27 -12.09
N LEU B 118 1.17 -0.74 -12.18
CA LEU B 118 0.93 -2.17 -12.16
C LEU B 118 1.46 -2.86 -13.45
N ILE B 119 1.31 -2.22 -14.61
CA ILE B 119 1.86 -2.72 -15.90
C ILE B 119 3.37 -2.79 -15.80
N ARG B 120 4.00 -1.78 -15.20
CA ARG B 120 5.42 -1.72 -15.06
C ARG B 120 5.89 -2.90 -14.24
N TYR B 121 5.16 -3.27 -13.21
CA TYR B 121 5.60 -4.39 -12.36
C TYR B 121 5.46 -5.72 -13.09
N ILE B 122 4.38 -5.89 -13.81
CA ILE B 122 4.20 -7.11 -14.61
C ILE B 122 5.39 -7.22 -15.57
N ASP B 123 5.68 -6.13 -16.28
CA ASP B 123 6.78 -6.12 -17.27
C ASP B 123 8.12 -6.44 -16.63
N ALA B 124 8.27 -6.07 -15.36
CA ALA B 124 9.49 -6.31 -14.65
C ALA B 124 9.55 -7.73 -13.99
N GLY B 125 8.47 -8.51 -14.09
CA GLY B 125 8.53 -9.91 -13.65
C GLY B 125 7.94 -10.11 -12.26
N PHE B 126 7.28 -9.08 -11.73
CA PHE B 126 6.55 -9.26 -10.43
C PHE B 126 5.17 -9.77 -10.63
N VAL B 127 4.53 -10.23 -9.56
CA VAL B 127 3.12 -10.51 -9.61
C VAL B 127 2.47 -9.40 -8.80
N PRO B 128 1.84 -8.44 -9.49
CA PRO B 128 1.18 -7.36 -8.70
C PRO B 128 -0.02 -7.95 -7.98
N VAL B 129 -0.23 -7.50 -6.76
CA VAL B 129 -1.41 -7.87 -6.00
C VAL B 129 -2.23 -6.64 -5.66
N SER B 130 -3.51 -6.61 -6.00
CA SER B 130 -4.31 -5.41 -5.67
C SER B 130 -5.55 -5.90 -4.95
N TYR B 131 -6.40 -5.00 -4.47
CA TYR B 131 -7.52 -5.40 -3.67
C TYR B 131 -8.64 -4.35 -3.61
N GLY B 132 -9.84 -4.82 -3.33
CA GLY B 132 -10.97 -3.92 -3.21
C GLY B 132 -10.60 -2.84 -2.22
N ASP B 133 -10.96 -1.58 -2.47
CA ASP B 133 -10.35 -0.48 -1.68
C ASP B 133 -11.23 0.76 -1.83
N VAL B 134 -10.94 1.76 -1.01
CA VAL B 134 -11.60 3.07 -1.06
C VAL B 134 -10.90 3.92 -2.06
N TYR B 135 -11.62 4.92 -2.61
CA TYR B 135 -11.02 5.90 -3.48
C TYR B 135 -11.83 7.19 -3.40
N ILE B 136 -11.23 8.29 -3.78
CA ILE B 136 -11.97 9.54 -3.84
C ILE B 136 -12.70 9.62 -5.17
N LYS B 137 -14.01 9.57 -5.14
CA LYS B 137 -14.80 9.53 -6.38
C LYS B 137 -14.97 10.93 -7.00
N ASP B 138 -15.26 11.92 -6.18
CA ASP B 138 -15.28 13.35 -6.56
C ASP B 138 -15.14 14.20 -5.31
N GLU B 139 -15.32 15.50 -5.45
CA GLU B 139 -15.06 16.41 -4.35
C GLU B 139 -15.92 16.11 -3.12
N HIS B 140 -17.00 15.38 -3.32
CA HIS B 140 -18.02 15.22 -2.26
C HIS B 140 -18.31 13.79 -1.94
N SER B 141 -17.50 12.88 -2.45
CA SER B 141 -17.92 11.50 -2.44
C SER B 141 -16.74 10.56 -2.37
N TYR B 142 -16.94 9.47 -1.67
CA TYR B 142 -15.94 8.47 -1.56
C TYR B 142 -16.54 7.20 -2.16
N GLY B 143 -15.74 6.45 -2.88
CA GLY B 143 -16.25 5.22 -3.47
C GLY B 143 -15.55 4.02 -2.88
N ILE B 144 -16.10 2.85 -3.17
CA ILE B 144 -15.42 1.56 -2.95
C ILE B 144 -15.33 0.81 -4.30
N TYR B 145 -14.11 0.50 -4.76
CA TYR B 145 -13.90 -0.21 -6.01
C TYR B 145 -13.66 -1.68 -5.61
N SER B 146 -14.62 -2.54 -5.89
CA SER B 146 -14.49 -3.90 -5.39
C SER B 146 -13.40 -4.68 -6.14
N GLY B 147 -13.03 -5.83 -5.63
CA GLY B 147 -12.03 -6.64 -6.27
C GLY B 147 -12.56 -7.16 -7.59
N ASP B 148 -13.88 -7.38 -7.69
CA ASP B 148 -14.55 -7.72 -8.95
C ASP B 148 -14.37 -6.59 -9.99
N ASP B 149 -14.51 -5.34 -9.57
CA ASP B 149 -14.30 -4.21 -10.52
C ASP B 149 -12.84 -4.19 -11.00
N ILE B 150 -11.89 -4.47 -10.09
CA ILE B 150 -10.50 -4.41 -10.48
C ILE B 150 -10.29 -5.56 -11.48
N MET B 151 -10.91 -6.72 -11.24
CA MET B 151 -10.72 -7.88 -12.16
C MET B 151 -11.22 -7.52 -13.57
N ALA B 152 -12.30 -6.76 -13.62
CA ALA B 152 -12.88 -6.35 -14.90
C ALA B 152 -11.93 -5.42 -15.61
N ASP B 153 -11.28 -4.52 -14.86
CA ASP B 153 -10.37 -3.56 -15.46
C ASP B 153 -9.17 -4.31 -16.00
N MET B 154 -8.75 -5.32 -15.24
CA MET B 154 -7.58 -6.12 -15.60
C MET B 154 -7.84 -7.01 -16.83
N ALA B 155 -9.04 -7.54 -16.96
CA ALA B 155 -9.37 -8.39 -18.14
C ALA B 155 -9.18 -7.53 -19.38
N GLU B 156 -9.76 -6.34 -19.36
CA GLU B 156 -9.69 -5.48 -20.50
C GLU B 156 -8.29 -4.98 -20.81
N LEU B 157 -7.56 -4.59 -19.76
CA LEU B 157 -6.22 -4.04 -19.89
C LEU B 157 -5.21 -5.10 -20.36
N LEU B 158 -5.31 -6.31 -19.83
CA LEU B 158 -4.30 -7.33 -20.03
C LEU B 158 -4.75 -8.45 -21.04
N LYS B 159 -6.03 -8.55 -21.33
CA LYS B 159 -6.53 -9.61 -22.19
C LYS B 159 -5.87 -10.94 -21.84
N PRO B 160 -6.07 -11.42 -20.61
CA PRO B 160 -5.54 -12.72 -20.20
C PRO B 160 -6.25 -13.85 -20.94
N ASP B 161 -5.72 -15.06 -20.94
CA ASP B 161 -6.44 -16.17 -21.52
C ASP B 161 -7.56 -16.72 -20.63
N VAL B 162 -7.37 -16.62 -19.31
CA VAL B 162 -8.29 -17.18 -18.31
C VAL B 162 -8.44 -16.21 -17.11
N ALA B 163 -9.64 -16.06 -16.59
CA ALA B 163 -9.85 -15.32 -15.36
C ALA B 163 -10.49 -16.24 -14.36
N VAL B 164 -9.90 -16.36 -13.18
CA VAL B 164 -10.44 -17.26 -12.17
C VAL B 164 -10.91 -16.45 -10.93
N PHE B 165 -12.12 -16.70 -10.46
CA PHE B 165 -12.59 -16.11 -9.21
C PHE B 165 -12.70 -17.24 -8.21
N LEU B 166 -12.15 -17.05 -7.02
CA LEU B 166 -12.25 -18.06 -5.99
C LEU B 166 -13.28 -17.57 -4.97
N THR B 167 -14.31 -18.36 -4.67
CA THR B 167 -15.24 -17.98 -3.57
C THR B 167 -15.35 -19.17 -2.66
N ASP B 168 -16.26 -19.11 -1.72
CA ASP B 168 -16.33 -20.19 -0.75
C ASP B 168 -17.39 -21.25 -1.16
N VAL B 169 -17.99 -21.12 -2.35
CA VAL B 169 -18.84 -22.20 -2.91
C VAL B 169 -18.29 -22.71 -4.26
N ASP B 170 -18.86 -23.81 -4.76
CA ASP B 170 -18.28 -24.54 -5.89
C ASP B 170 -18.40 -23.79 -7.21
N GLY B 171 -19.33 -22.86 -7.29
CA GLY B 171 -19.56 -22.13 -8.53
C GLY B 171 -20.88 -21.39 -8.45
N ILE B 172 -21.37 -20.92 -9.60
CA ILE B 172 -22.69 -20.34 -9.68
C ILE B 172 -23.73 -21.45 -9.59
N TYR B 173 -24.70 -21.29 -8.70
CA TYR B 173 -25.83 -22.24 -8.55
C TYR B 173 -27.12 -21.57 -9.03
N SER B 174 -28.10 -22.39 -9.37
CA SER B 174 -29.44 -21.93 -9.73
C SER B 174 -30.11 -21.14 -8.62
N LYS B 175 -29.66 -21.34 -7.38
CA LYS B 175 -29.99 -20.45 -6.25
C LYS B 175 -28.96 -20.56 -5.13
N ASP B 176 -29.05 -19.67 -4.15
CA ASP B 176 -28.05 -19.68 -3.07
C ASP B 176 -27.88 -21.09 -2.50
N PRO B 177 -26.70 -21.69 -2.69
CA PRO B 177 -26.47 -23.06 -2.20
C PRO B 177 -26.54 -23.21 -0.70
N LYS B 178 -26.24 -22.14 0.03
CA LYS B 178 -26.18 -22.22 1.49
C LYS B 178 -27.58 -22.20 2.10
N ARG B 179 -28.48 -21.52 1.41
CA ARG B 179 -29.85 -21.33 1.86
C ARG B 179 -30.71 -22.55 1.49
N ASN B 180 -30.64 -23.00 0.25
CA ASN B 180 -31.48 -24.12 -0.17
C ASN B 180 -30.73 -25.31 -0.73
N PRO B 181 -30.90 -26.48 -0.08
CA PRO B 181 -30.18 -27.73 -0.35
C PRO B 181 -30.45 -28.29 -1.73
N ASP B 182 -31.54 -27.84 -2.35
CA ASP B 182 -31.89 -28.29 -3.70
C ASP B 182 -31.23 -27.48 -4.83
N ALA B 183 -30.35 -26.54 -4.49
CA ALA B 183 -29.71 -25.72 -5.52
C ALA B 183 -28.85 -26.60 -6.42
N VAL B 184 -28.81 -26.28 -7.71
CA VAL B 184 -27.89 -27.01 -8.57
C VAL B 184 -26.74 -26.17 -9.21
N LEU B 185 -25.57 -26.79 -9.32
CA LEU B 185 -24.38 -26.18 -9.87
C LEU B 185 -24.53 -25.96 -11.36
N LEU B 186 -24.25 -24.75 -11.82
CA LEU B 186 -24.33 -24.44 -13.23
C LEU B 186 -22.91 -24.48 -13.76
N ARG B 187 -22.54 -25.58 -14.43
CA ARG B 187 -21.13 -25.80 -14.77
C ARG B 187 -20.71 -25.07 -16.00
N ASP B 188 -21.67 -24.72 -16.82
CA ASP B 188 -21.35 -24.26 -18.15
C ASP B 188 -22.32 -23.17 -18.55
N ILE B 189 -21.80 -21.98 -18.77
CA ILE B 189 -22.64 -20.86 -19.10
C ILE B 189 -22.17 -20.30 -20.43
N ASP B 190 -22.96 -20.57 -21.46
CA ASP B 190 -22.65 -20.12 -22.82
C ASP B 190 -23.11 -18.65 -22.94
N THR B 191 -22.15 -17.76 -23.20
CA THR B 191 -22.44 -16.33 -23.28
C THR B 191 -23.17 -15.97 -24.59
N ASN B 192 -23.10 -16.85 -25.58
CA ASN B 192 -23.82 -16.62 -26.83
C ASN B 192 -25.35 -16.77 -26.67
N ILE B 193 -25.81 -17.23 -25.52
CA ILE B 193 -27.25 -17.44 -25.31
C ILE B 193 -27.75 -16.48 -24.25
N THR B 194 -29.04 -16.17 -24.27
CA THR B 194 -29.58 -15.40 -23.15
C THR B 194 -29.65 -16.32 -21.93
N PHE B 195 -29.17 -15.86 -20.79
CA PHE B 195 -29.19 -16.64 -19.57
C PHE B 195 -30.59 -16.61 -18.93
N ASP B 196 -31.05 -17.76 -18.43
CA ASP B 196 -32.38 -17.87 -17.79
C ASP B 196 -32.64 -16.75 -16.77
N ILE B 206 -24.25 -11.95 -5.50
CA ILE B 206 -23.51 -12.66 -6.54
C ILE B 206 -24.10 -12.29 -7.89
N GLY B 207 -25.23 -11.59 -7.84
CA GLY B 207 -25.81 -11.05 -9.05
C GLY B 207 -24.84 -10.10 -9.71
N LYS B 208 -24.24 -9.18 -8.95
CA LYS B 208 -23.40 -8.18 -9.61
C LYS B 208 -22.13 -8.86 -10.09
N LYS B 209 -21.64 -9.83 -9.32
CA LYS B 209 -20.43 -10.52 -9.73
C LYS B 209 -20.66 -11.21 -11.06
N PHE B 210 -21.83 -11.84 -11.19
CA PHE B 210 -22.13 -12.63 -12.39
C PHE B 210 -22.13 -11.69 -13.60
N GLU B 211 -22.86 -10.58 -13.47
CA GLU B 211 -22.92 -9.60 -14.53
C GLU B 211 -21.53 -9.30 -15.02
N SER B 212 -20.64 -9.01 -14.09
CA SER B 212 -19.33 -8.49 -14.47
C SER B 212 -18.42 -9.58 -15.07
N MET B 213 -18.54 -10.83 -14.60
CA MET B 213 -17.84 -11.94 -15.23
C MET B 213 -18.32 -12.06 -16.71
N VAL B 214 -19.60 -11.88 -16.95
CA VAL B 214 -20.08 -12.05 -18.32
C VAL B 214 -19.50 -10.96 -19.22
N LYS B 215 -19.48 -9.71 -18.74
CA LYS B 215 -18.81 -8.60 -19.45
C LYS B 215 -17.33 -8.86 -19.70
N MET B 216 -16.67 -9.44 -18.73
CA MET B 216 -15.25 -9.72 -18.82
C MET B 216 -14.97 -10.68 -19.94
N LYS B 217 -15.85 -11.63 -20.13
CA LYS B 217 -15.56 -12.73 -21.06
C LYS B 217 -15.19 -12.25 -22.47
N SER B 218 -15.62 -11.07 -22.90
CA SER B 218 -15.16 -10.62 -24.21
C SER B 218 -13.65 -10.30 -24.24
N SER B 219 -13.06 -9.97 -23.09
CA SER B 219 -11.62 -9.72 -23.03
C SER B 219 -10.84 -10.95 -22.64
N VAL B 220 -11.55 -11.99 -22.22
CA VAL B 220 -10.88 -13.18 -21.77
C VAL B 220 -11.07 -14.35 -22.74
N LYS B 221 -9.99 -14.68 -23.42
CA LYS B 221 -10.00 -15.56 -24.58
C LYS B 221 -10.61 -16.93 -24.33
N ASN B 222 -10.19 -17.61 -23.27
CA ASN B 222 -10.55 -19.00 -23.02
C ASN B 222 -11.40 -19.26 -21.79
N GLY B 223 -12.13 -18.27 -21.31
CA GLY B 223 -13.09 -18.53 -20.26
C GLY B 223 -12.85 -17.84 -18.92
N VAL B 224 -13.95 -17.57 -18.24
CA VAL B 224 -13.94 -17.01 -16.91
C VAL B 224 -14.47 -18.09 -15.99
N TYR B 225 -13.73 -18.41 -14.95
CA TYR B 225 -14.08 -19.54 -14.09
C TYR B 225 -14.36 -19.09 -12.69
N LEU B 226 -15.35 -19.74 -12.07
CA LEU B 226 -15.60 -19.57 -10.67
C LEU B 226 -15.36 -20.93 -10.02
N ILE B 227 -14.52 -20.92 -8.99
CA ILE B 227 -14.03 -22.11 -8.32
C ILE B 227 -14.07 -21.97 -6.81
N ASN B 228 -14.33 -23.08 -6.11
CA ASN B 228 -14.27 -23.11 -4.65
C ASN B 228 -12.82 -22.91 -4.22
N GLY B 229 -12.55 -21.78 -3.61
CA GLY B 229 -11.27 -21.43 -3.03
C GLY B 229 -10.85 -22.32 -1.86
N ASN B 230 -11.77 -23.08 -1.27
CA ASN B 230 -11.36 -24.16 -0.33
C ASN B 230 -10.81 -25.40 -1.06
N HIS B 231 -10.93 -25.42 -2.38
CA HIS B 231 -10.41 -26.51 -3.19
C HIS B 231 -9.55 -25.96 -4.33
N PRO B 232 -8.49 -25.22 -3.97
CA PRO B 232 -7.78 -24.46 -5.00
C PRO B 232 -7.03 -25.35 -5.99
N GLU B 233 -6.84 -26.61 -5.67
CA GLU B 233 -6.20 -27.52 -6.63
C GLU B 233 -7.08 -27.60 -7.89
N ARG B 234 -8.37 -27.25 -7.75
CA ARG B 234 -9.30 -27.34 -8.88
C ARG B 234 -8.86 -26.42 -10.01
N ILE B 235 -8.07 -25.39 -9.68
CA ILE B 235 -7.50 -24.50 -10.69
C ILE B 235 -6.74 -25.33 -11.72
N GLY B 236 -5.99 -26.34 -11.28
CA GLY B 236 -5.27 -27.20 -12.21
C GLY B 236 -6.14 -28.04 -13.15
N ASP B 237 -7.42 -28.18 -12.82
CA ASP B 237 -8.33 -29.03 -13.61
C ASP B 237 -9.12 -28.26 -14.65
N ILE B 238 -8.82 -26.98 -14.79
CA ILE B 238 -9.32 -26.18 -15.92
C ILE B 238 -8.94 -26.80 -17.28
N GLY B 239 -9.94 -26.95 -18.14
CA GLY B 239 -9.76 -27.67 -19.37
C GLY B 239 -10.30 -29.08 -19.15
N LYS B 240 -9.77 -29.76 -18.13
CA LYS B 240 -10.14 -31.15 -17.87
C LYS B 240 -11.64 -31.34 -17.73
N GLU B 241 -12.07 -32.52 -18.16
CA GLU B 241 -13.46 -32.89 -18.01
C GLU B 241 -13.70 -33.23 -16.52
N SER B 242 -12.61 -33.18 -15.76
CA SER B 242 -12.61 -33.48 -14.31
C SER B 242 -12.84 -32.21 -13.44
N PHE B 243 -12.94 -31.06 -14.10
CA PHE B 243 -13.05 -29.79 -13.41
C PHE B 243 -14.39 -29.65 -12.66
N ILE B 244 -14.36 -29.14 -11.43
CA ILE B 244 -15.59 -28.83 -10.70
C ILE B 244 -15.65 -27.32 -10.42
N GLY B 245 -16.70 -26.67 -10.92
CA GLY B 245 -16.77 -25.21 -10.97
C GLY B 245 -17.71 -24.74 -12.07
N THR B 246 -17.81 -23.42 -12.23
CA THR B 246 -18.59 -22.83 -13.30
C THR B 246 -17.65 -22.21 -14.31
N VAL B 247 -17.88 -22.50 -15.59
CA VAL B 247 -17.16 -21.83 -16.63
C VAL B 247 -18.14 -20.95 -17.37
N ILE B 248 -17.65 -19.79 -17.76
CA ILE B 248 -18.40 -18.86 -18.59
C ILE B 248 -17.60 -18.74 -19.90
N ARG B 249 -18.21 -19.12 -21.03
CA ARG B 249 -17.47 -19.23 -22.29
C ARG B 249 -18.18 -18.48 -23.41
PG ATP C . 16.15 6.92 8.08
O1G ATP C . 16.71 7.01 6.66
O2G ATP C . 14.88 7.68 8.23
O3G ATP C . 16.14 5.43 8.50
PB ATP C . 17.14 9.10 9.93
O1B ATP C . 16.39 8.76 11.22
O2B ATP C . 16.56 10.12 8.98
O3B ATP C . 17.26 7.74 9.01
PA ATP C . 20.03 8.73 10.25
O1A ATP C . 20.38 8.55 8.77
O2A ATP C . 19.83 7.51 11.11
O3A ATP C . 18.62 9.56 10.41
O5' ATP C . 21.06 9.73 10.92
C5' ATP C . 20.86 10.20 12.26
C4' ATP C . 22.22 9.94 12.92
O4' ATP C . 23.23 10.71 12.28
C3' ATP C . 22.33 10.31 14.38
O3' ATP C . 21.93 9.20 15.21
C2' ATP C . 23.82 10.63 14.54
O2' ATP C . 24.45 9.58 15.31
C1' ATP C . 24.38 10.63 13.12
N9 ATP C . 25.23 11.80 12.78
C8 ATP C . 26.35 11.77 12.03
N7 ATP C . 26.84 13.02 11.88
C5 ATP C . 26.03 13.88 12.55
C6 ATP C . 25.99 15.33 12.81
N6 ATP C . 26.95 16.16 12.35
N1 ATP C . 24.95 15.81 13.57
C2 ATP C . 24.00 14.99 14.07
N3 ATP C . 24.00 13.66 13.86
C4 ATP C . 24.96 13.06 13.13
O IP8 D . 16.80 6.10 4.43
C1 IP8 D . 14.82 4.13 3.08
O1 IP8 D . 14.45 5.24 3.93
P1 IP8 D . 15.39 6.09 4.98
C2 IP8 D . 14.47 2.84 3.82
O2 IP8 D . 14.74 7.49 5.01
C3 IP8 D . 14.67 1.64 2.91
O3 IP8 D . 15.14 5.07 6.04
C4 IP8 D . 15.82 0.98 2.91
C5 IP8 D . 13.53 1.20 2.02
PG ATP E . -15.54 -10.27 -1.67
O1G ATP E . -16.10 -8.97 -2.23
O2G ATP E . -14.30 -10.78 -2.33
O3G ATP E . -15.40 -10.12 -0.16
PB ATP E . -16.43 -12.83 -2.85
O1B ATP E . -15.83 -13.87 -1.99
O2B ATP E . -15.74 -12.50 -4.17
O3B ATP E . -16.63 -11.44 -1.99
PA ATP E . -19.29 -13.03 -2.34
O1A ATP E . -19.82 -11.65 -2.69
O2A ATP E . -18.96 -13.29 -0.89
O3A ATP E . -17.94 -13.28 -3.22
O5' ATP E . -20.28 -14.20 -2.88
C5' ATP E . -20.04 -15.56 -2.43
C4' ATP E . -21.35 -15.98 -1.76
O4' ATP E . -22.44 -15.88 -2.69
C3' ATP E . -21.41 -17.44 -1.35
O3' ATP E . -20.96 -17.54 0.00
C2' ATP E . -22.87 -17.87 -1.57
O2' ATP E . -23.51 -18.05 -0.31
C1' ATP E . -23.53 -16.65 -2.15
N9 ATP E . -24.54 -16.91 -3.21
C8 ATP E . -25.74 -16.29 -3.26
N7 ATP E . -26.43 -16.73 -4.36
C5 ATP E . -25.64 -17.65 -5.00
C6 ATP E . -25.74 -18.47 -6.21
N6 ATP E . -26.85 -18.43 -6.98
N1 ATP E . -24.72 -19.29 -6.56
C2 ATP E . -23.59 -19.34 -5.81
N3 ATP E . -23.45 -18.61 -4.67
C4 ATP E . -24.41 -17.75 -4.25
O IP8 F . -16.29 -6.68 -2.75
C1 IP8 F . -14.24 -4.41 -1.53
O1 IP8 F . -13.94 -5.68 -2.19
P1 IP8 F . -14.88 -7.05 -2.35
C2 IP8 F . -13.61 -4.40 -0.13
O2 IP8 F . -14.15 -7.74 -3.50
C3 IP8 F . -13.83 -3.06 0.57
O3 IP8 F . -14.63 -7.53 -0.95
C4 IP8 F . -14.89 -2.87 1.33
C5 IP8 F . -12.82 -1.93 0.40
#